data_3KFF
#
_entry.id   3KFF
#
_cell.length_a   47.617
_cell.length_b   53.747
_cell.length_c   61.249
_cell.angle_alpha   90.00
_cell.angle_beta   90.00
_cell.angle_gamma   90.00
#
_symmetry.space_group_name_H-M   'P 21 21 21'
#
loop_
_entity.id
_entity.type
_entity.pdbx_description
1 polymer 'Major urinary protein 4'
2 non-polymer 'CHLORIDE ION'
3 non-polymer 2-[(1R)-1-methylpropyl]-4,5-dihydro-1,3-thiazole
4 non-polymer 2-[(1S)-1-methylpropyl]-4,5-dihydro-1,3-thiazole
5 water water
#
_entity_poly.entity_id   1
_entity_poly.type   'polypeptide(L)'
_entity_poly.pdbx_seq_one_letter_code
;EEATSKGQNLNVEKINGEWFSILLASDKREKIEEHGSMRVFVEHIHVLENSLAFKFHTVIDGECSEIFLVADKTEKAGEY
SVMYDGFNTFTILKTDYDNYIMFHLINEKDGKTFQLMELYGRKADLNSDIKEKFVKLCEEHGIIKENIIDLTKTNRCLKA
RE
;
_entity_poly.pdbx_strand_id   A
#
loop_
_chem_comp.id
_chem_comp.type
_chem_comp.name
_chem_comp.formula
CL non-polymer 'CHLORIDE ION' 'Cl -1'
XBT non-polymer 2-[(1R)-1-methylpropyl]-4,5-dihydro-1,3-thiazole 'C7 H13 N S'
ZBT non-polymer 2-[(1S)-1-methylpropyl]-4,5-dihydro-1,3-thiazole 'C7 H13 N S'
#
# COMPACT_ATOMS: atom_id res chain seq x y z
N LEU A 10 1.08 12.83 -13.18
CA LEU A 10 0.98 12.93 -11.74
C LEU A 10 1.67 14.14 -11.15
N ASN A 11 0.95 14.87 -10.35
CA ASN A 11 1.46 15.99 -9.55
C ASN A 11 1.66 15.46 -8.13
N VAL A 12 2.86 14.92 -7.88
CA VAL A 12 3.02 14.11 -6.66
C VAL A 12 2.79 14.94 -5.43
N GLU A 13 3.03 16.26 -5.42
CA GLU A 13 2.75 17.03 -4.22
C GLU A 13 1.32 16.88 -3.75
N LYS A 14 0.36 16.65 -4.66
CA LYS A 14 -1.04 16.56 -4.29
C LYS A 14 -1.41 15.23 -3.61
N ILE A 15 -0.48 14.29 -3.50
CA ILE A 15 -0.77 13.08 -2.71
C ILE A 15 -0.39 13.28 -1.27
N ASN A 16 0.15 14.40 -0.87
CA ASN A 16 0.54 14.63 0.52
C ASN A 16 -0.65 14.52 1.45
N GLY A 17 -0.40 14.05 2.67
CA GLY A 17 -1.31 14.13 3.78
C GLY A 17 -1.79 12.77 4.24
N GLU A 18 -2.94 12.79 4.85
CA GLU A 18 -3.47 11.62 5.55
C GLU A 18 -4.23 10.73 4.56
N TRP A 19 -4.04 9.43 4.74
CA TRP A 19 -4.67 8.38 3.94
C TRP A 19 -5.06 7.24 4.88
N PHE A 20 -5.90 6.35 4.36
CA PHE A 20 -6.35 5.12 5.02
C PHE A 20 -6.14 3.97 4.03
N SER A 21 -5.70 2.82 4.55
CA SER A 21 -5.61 1.62 3.73
C SER A 21 -6.97 0.97 3.59
N ILE A 22 -7.37 0.69 2.37
CA ILE A 22 -8.71 0.16 2.10
C ILE A 22 -8.65 -1.27 1.56
N LEU A 23 -8.01 -1.47 0.41
CA LEU A 23 -7.84 -2.81 -0.18
C LEU A 23 -6.37 -3.11 -0.28
N LEU A 24 -6.01 -4.36 -0.06
CA LEU A 24 -4.61 -4.82 -0.10
C LEU A 24 -4.57 -6.10 -0.89
N ALA A 25 -3.65 -6.22 -1.85
CA ALA A 25 -3.66 -7.33 -2.79
C ALA A 25 -2.26 -7.77 -3.08
N SER A 26 -2.06 -9.05 -3.32
CA SER A 26 -0.76 -9.59 -3.68
C SER A 26 -0.87 -10.88 -4.45
N ASP A 27 0.12 -11.16 -5.30
CA ASP A 27 0.22 -12.47 -5.90
C ASP A 27 0.98 -13.44 -5.00
N LYS A 28 1.34 -13.07 -3.80
CA LYS A 28 1.92 -13.95 -2.80
C LYS A 28 1.13 -13.70 -1.52
N ARG A 29 0.00 -14.43 -1.36
CA ARG A 29 -1.04 -14.05 -0.42
C ARG A 29 -0.57 -13.99 1.01
N GLU A 30 0.38 -14.89 1.35
CA GLU A 30 0.82 -14.94 2.75
C GLU A 30 1.39 -13.61 3.19
N LYS A 31 1.91 -12.82 2.27
CA LYS A 31 2.52 -11.52 2.67
C LYS A 31 1.53 -10.50 3.19
N ILE A 32 0.26 -10.70 2.84
CA ILE A 32 -0.77 -9.75 3.23
C ILE A 32 -1.79 -10.33 4.19
N GLU A 33 -1.63 -11.59 4.57
CA GLU A 33 -2.43 -12.24 5.60
C GLU A 33 -2.02 -11.67 6.94
N GLU A 34 -2.78 -12.07 7.95
N GLU A 34 -2.70 -12.07 8.04
CA GLU A 34 -2.81 -11.37 9.21
CA GLU A 34 -2.23 -11.68 9.36
C GLU A 34 -1.44 -11.13 9.79
C GLU A 34 -0.82 -12.21 9.58
N HIS A 35 -0.45 -12.00 9.60
N HIS A 35 -0.03 -11.40 10.28
CA HIS A 35 0.89 -11.88 10.20
CA HIS A 35 1.34 -11.75 10.55
C HIS A 35 2.06 -11.64 9.23
N GLY A 36 1.56 -11.26 8.04
CA GLY A 36 2.42 -11.02 6.91
C GLY A 36 3.11 -9.66 6.99
N SER A 37 4.31 -9.56 6.46
CA SER A 37 5.07 -8.32 6.57
C SER A 37 4.40 -7.14 5.86
N MET A 38 3.58 -7.42 4.85
CA MET A 38 3.00 -6.34 4.08
C MET A 38 1.60 -5.97 4.55
N ARG A 39 1.16 -6.54 5.67
CA ARG A 39 -0.15 -6.24 6.22
C ARG A 39 0.04 -4.98 7.10
N VAL A 40 0.09 -3.83 6.43
CA VAL A 40 0.37 -2.54 7.02
C VAL A 40 -0.73 -1.55 6.58
N PHE A 41 -0.91 -0.54 7.40
CA PHE A 41 -2.05 0.35 7.27
C PHE A 41 -1.54 1.78 7.25
N VAL A 42 -1.66 2.45 6.10
CA VAL A 42 -1.06 3.78 5.97
C VAL A 42 -1.78 4.79 6.86
N GLU A 43 -1.01 5.75 7.36
CA GLU A 43 -1.57 6.92 8.03
C GLU A 43 -1.26 8.20 7.27
N HIS A 44 -0.04 8.38 6.79
CA HIS A 44 0.26 9.59 6.00
C HIS A 44 1.33 9.29 4.99
N ILE A 45 1.36 10.17 4.00
CA ILE A 45 2.38 10.27 2.98
C ILE A 45 2.85 11.72 2.98
N HIS A 46 4.12 11.94 3.24
CA HIS A 46 4.68 13.29 3.15
C HIS A 46 5.61 13.36 1.96
N VAL A 47 5.35 14.32 1.10
CA VAL A 47 6.08 14.49 -0.13
C VAL A 47 7.31 15.38 0.12
N LEU A 48 8.47 14.85 -0.15
CA LEU A 48 9.73 15.58 -0.05
C LEU A 48 10.35 15.72 -1.44
N GLU A 49 11.43 16.48 -1.57
CA GLU A 49 12.01 16.77 -2.88
C GLU A 49 12.35 15.51 -3.66
N ASN A 50 12.97 14.55 -2.98
CA ASN A 50 13.51 13.34 -3.61
C ASN A 50 12.94 12.07 -3.05
N SER A 51 11.85 12.17 -2.31
CA SER A 51 11.38 11.01 -1.61
C SER A 51 9.94 11.16 -1.21
N LEU A 52 9.37 10.08 -0.71
CA LEU A 52 8.08 10.02 -0.07
C LEU A 52 8.26 9.41 1.30
N ALA A 53 7.80 10.06 2.34
CA ALA A 53 7.89 9.58 3.73
C ALA A 53 6.54 9.07 4.16
N PHE A 54 6.50 7.82 4.61
CA PHE A 54 5.29 7.14 4.98
C PHE A 54 5.29 6.83 6.49
N LYS A 55 4.13 6.94 7.09
CA LYS A 55 3.85 6.35 8.37
C LYS A 55 2.77 5.28 8.21
N PHE A 56 3.01 4.12 8.73
CA PHE A 56 2.07 2.99 8.77
C PHE A 56 1.86 2.52 10.20
N HIS A 57 0.78 1.80 10.40
CA HIS A 57 0.61 0.91 11.56
C HIS A 57 0.63 -0.52 11.06
N THR A 58 0.86 -1.43 12.00
CA THR A 58 0.75 -2.85 11.74
C THR A 58 0.39 -3.53 13.06
N VAL A 59 -0.13 -4.75 13.01
CA VAL A 59 -0.45 -5.51 14.22
C VAL A 59 0.64 -6.55 14.44
N ILE A 60 1.22 -6.48 15.63
CA ILE A 60 2.27 -7.44 16.02
C ILE A 60 1.75 -8.13 17.27
N ASP A 61 1.46 -9.44 17.13
CA ASP A 61 1.00 -10.22 18.29
C ASP A 61 -0.23 -9.57 18.94
N GLY A 62 -1.10 -9.06 18.08
CA GLY A 62 -2.37 -8.49 18.49
C GLY A 62 -2.30 -7.05 18.93
N GLU A 63 -1.11 -6.45 18.93
CA GLU A 63 -0.88 -5.08 19.41
C GLU A 63 -0.52 -4.18 18.23
N CYS A 64 -1.12 -3.01 18.19
CA CYS A 64 -0.76 -2.03 17.16
C CYS A 64 0.65 -1.48 17.39
N SER A 65 1.35 -1.23 16.30
CA SER A 65 2.74 -0.78 16.27
C SER A 65 2.94 0.11 15.05
N GLU A 66 3.91 1.02 15.10
CA GLU A 66 4.17 1.95 14.00
C GLU A 66 5.36 1.50 13.18
N ILE A 67 5.34 1.84 11.89
CA ILE A 67 6.42 1.64 10.91
C ILE A 67 6.60 2.94 10.15
N PHE A 68 7.76 3.47 10.08
CA PHE A 68 8.10 4.62 9.30
C PHE A 68 9.07 4.25 8.18
N LEU A 69 8.77 4.64 6.97
CA LEU A 69 9.62 4.36 5.81
C LEU A 69 9.79 5.62 4.99
N VAL A 70 10.95 5.73 4.38
CA VAL A 70 11.19 6.77 3.39
C VAL A 70 11.61 6.08 2.09
N ALA A 71 10.91 6.39 1.02
CA ALA A 71 11.16 5.82 -0.28
C ALA A 71 11.80 6.86 -1.18
N ASP A 72 12.89 6.55 -1.84
CA ASP A 72 13.65 7.48 -2.62
C ASP A 72 13.30 7.35 -4.09
N LYS A 73 13.35 8.45 -4.84
CA LYS A 73 13.21 8.32 -6.28
C LYS A 73 14.33 7.45 -6.85
N THR A 74 13.94 6.61 -7.82
CA THR A 74 14.95 5.81 -8.52
C THR A 74 15.34 6.58 -9.78
N GLU A 75 16.08 6.01 -10.69
CA GLU A 75 16.47 6.60 -11.95
C GLU A 75 15.33 6.47 -12.97
N LYS A 76 14.26 5.77 -12.66
CA LYS A 76 13.11 5.70 -13.55
C LYS A 76 12.06 6.69 -13.04
N ALA A 77 11.66 7.63 -13.91
CA ALA A 77 10.62 8.59 -13.55
C ALA A 77 9.40 7.89 -12.96
N GLY A 78 8.91 8.40 -11.84
CA GLY A 78 7.69 7.98 -11.19
C GLY A 78 7.90 6.78 -10.29
N GLU A 79 9.10 6.20 -10.28
CA GLU A 79 9.35 5.06 -9.45
C GLU A 79 10.15 5.42 -8.21
N TYR A 80 9.86 4.73 -7.13
CA TYR A 80 10.50 4.93 -5.84
C TYR A 80 10.99 3.59 -5.31
N SER A 81 11.97 3.60 -4.47
CA SER A 81 12.47 2.40 -3.85
C SER A 81 12.64 2.56 -2.36
N VAL A 82 12.48 1.44 -1.66
CA VAL A 82 12.60 1.43 -0.21
C VAL A 82 12.96 0.04 0.26
N MET A 83 13.80 -0.05 1.26
CA MET A 83 14.13 -1.34 1.89
C MET A 83 13.16 -1.63 3.00
N TYR A 84 12.49 -2.77 2.91
CA TYR A 84 11.53 -3.26 3.90
C TYR A 84 11.25 -4.70 3.52
N ASP A 85 11.65 -5.64 4.40
CA ASP A 85 11.52 -7.05 4.10
C ASP A 85 12.04 -7.35 2.72
N GLY A 86 13.25 -6.85 2.45
CA GLY A 86 13.81 -6.95 1.10
C GLY A 86 13.79 -5.58 0.43
N PHE A 87 13.94 -5.63 -0.89
CA PHE A 87 14.09 -4.42 -1.70
C PHE A 87 12.82 -4.18 -2.49
N ASN A 88 12.19 -3.02 -2.33
CA ASN A 88 10.93 -2.74 -2.96
C ASN A 88 11.06 -1.56 -3.94
N THR A 89 10.35 -1.68 -5.06
CA THR A 89 10.18 -0.56 -5.98
C THR A 89 8.69 -0.38 -6.14
N PHE A 90 8.21 0.86 -6.28
CA PHE A 90 6.80 1.07 -6.52
C PHE A 90 6.55 2.28 -7.37
N THR A 91 5.34 2.28 -7.93
CA THR A 91 4.81 3.38 -8.71
C THR A 91 3.39 3.64 -8.28
N ILE A 92 2.87 4.82 -8.66
CA ILE A 92 1.49 5.21 -8.51
C ILE A 92 0.76 4.89 -9.79
N LEU A 93 -0.23 4.04 -9.76
CA LEU A 93 -0.96 3.69 -10.97
C LEU A 93 -2.01 4.73 -11.31
N LYS A 94 -2.81 5.17 -10.36
CA LYS A 94 -3.95 6.05 -10.56
C LYS A 94 -4.21 6.82 -9.28
N THR A 95 -4.69 8.06 -9.42
CA THR A 95 -5.17 8.80 -8.27
C THR A 95 -6.02 9.98 -8.74
N ASP A 96 -6.96 10.40 -7.89
CA ASP A 96 -7.63 11.68 -8.09
C ASP A 96 -7.22 12.67 -7.00
N TYR A 97 -6.22 12.33 -6.19
CA TYR A 97 -5.65 13.11 -5.10
C TYR A 97 -6.57 13.28 -3.89
N ASP A 98 -7.86 13.57 -4.11
CA ASP A 98 -8.77 13.94 -3.04
C ASP A 98 -9.63 12.79 -2.56
N ASN A 99 -9.54 11.62 -3.18
CA ASN A 99 -10.33 10.49 -2.71
C ASN A 99 -9.55 9.17 -2.69
N TYR A 100 -8.90 8.82 -3.78
CA TYR A 100 -8.26 7.49 -3.86
C TYR A 100 -6.88 7.63 -4.44
N ILE A 101 -6.04 6.62 -4.13
CA ILE A 101 -4.77 6.39 -4.79
C ILE A 101 -4.50 4.90 -4.86
N MET A 102 -3.89 4.47 -5.95
CA MET A 102 -3.59 3.06 -6.18
C MET A 102 -2.09 2.93 -6.43
N PHE A 103 -1.44 2.10 -5.63
CA PHE A 103 -0.01 1.81 -5.74
C PHE A 103 0.20 0.40 -6.28
N HIS A 104 1.32 0.26 -7.00
CA HIS A 104 1.84 -1.02 -7.45
C HIS A 104 3.30 -1.13 -7.00
N LEU A 105 3.61 -2.22 -6.31
CA LEU A 105 4.92 -2.45 -5.70
C LEU A 105 5.44 -3.81 -6.11
N ILE A 106 6.73 -3.88 -6.31
CA ILE A 106 7.47 -5.14 -6.54
C ILE A 106 8.46 -5.30 -5.39
N ASN A 107 8.39 -6.41 -4.69
CA ASN A 107 9.35 -6.80 -3.65
C ASN A 107 10.31 -7.82 -4.21
N GLU A 108 11.59 -7.67 -3.88
CA GLU A 108 12.60 -8.67 -4.18
C GLU A 108 13.27 -9.08 -2.88
N LYS A 109 13.40 -10.38 -2.69
CA LYS A 109 14.13 -10.95 -1.55
C LYS A 109 14.61 -12.32 -1.96
N ASP A 110 15.88 -12.63 -1.75
CA ASP A 110 16.43 -13.90 -2.14
C ASP A 110 16.29 -14.17 -3.65
N GLY A 111 16.28 -13.11 -4.45
CA GLY A 111 16.18 -13.24 -5.92
C GLY A 111 14.78 -13.65 -6.36
N LYS A 112 13.79 -13.65 -5.50
CA LYS A 112 12.42 -13.95 -5.79
C LYS A 112 11.62 -12.67 -5.67
N THR A 113 10.55 -12.52 -6.44
CA THR A 113 9.77 -11.31 -6.42
C THR A 113 8.30 -11.65 -6.23
N PHE A 114 7.57 -10.63 -5.74
CA PHE A 114 6.11 -10.67 -5.74
C PHE A 114 5.62 -9.22 -5.91
N GLN A 115 4.37 -9.12 -6.33
CA GLN A 115 3.69 -7.84 -6.47
C GLN A 115 2.76 -7.58 -5.28
N LEU A 116 2.67 -6.30 -4.93
CA LEU A 116 1.71 -5.82 -3.96
C LEU A 116 0.93 -4.69 -4.66
N MET A 117 -0.39 -4.66 -4.52
CA MET A 117 -1.17 -3.49 -4.95
C MET A 117 -1.97 -3.03 -3.75
N GLU A 118 -2.11 -1.71 -3.63
CA GLU A 118 -2.80 -1.10 -2.53
C GLU A 118 -3.72 -0.01 -3.01
N LEU A 119 -4.91 0.04 -2.43
CA LEU A 119 -5.89 1.11 -2.61
C LEU A 119 -6.03 1.85 -1.28
N TYR A 120 -5.68 3.15 -1.32
CA TYR A 120 -5.83 4.02 -0.18
C TYR A 120 -6.95 5.01 -0.48
N GLY A 121 -7.60 5.45 0.62
CA GLY A 121 -8.65 6.47 0.55
C GLY A 121 -8.33 7.63 1.47
N ARG A 122 -8.88 8.81 1.15
CA ARG A 122 -8.76 9.92 2.06
C ARG A 122 -9.67 9.79 3.26
N LYS A 123 -10.67 8.92 3.17
CA LYS A 123 -11.55 8.53 4.25
C LYS A 123 -11.33 7.05 4.52
N ALA A 124 -11.92 6.54 5.60
CA ALA A 124 -11.70 5.17 6.03
C ALA A 124 -12.36 4.15 5.13
N ASP A 125 -13.21 4.52 4.19
CA ASP A 125 -13.77 3.61 3.23
C ASP A 125 -13.89 4.34 1.90
N LEU A 126 -14.10 3.52 0.86
CA LEU A 126 -14.34 3.94 -0.52
C LEU A 126 -15.55 3.21 -1.05
N ASN A 127 -16.22 3.80 -2.02
CA ASN A 127 -17.43 3.18 -2.57
C ASN A 127 -17.10 1.95 -3.42
N SER A 128 -18.18 1.19 -3.71
CA SER A 128 -18.03 -0.05 -4.44
C SER A 128 -17.50 0.11 -5.83
N ASP A 129 -17.83 1.21 -6.50
CA ASP A 129 -17.34 1.44 -7.86
C ASP A 129 -15.83 1.51 -7.88
N ILE A 130 -15.26 2.31 -6.99
CA ILE A 130 -13.81 2.45 -6.93
C ILE A 130 -13.16 1.14 -6.53
N LYS A 131 -13.74 0.46 -5.56
CA LYS A 131 -13.17 -0.85 -5.17
C LYS A 131 -13.18 -1.81 -6.33
N GLU A 132 -14.29 -1.89 -7.06
CA GLU A 132 -14.35 -2.85 -8.19
C GLU A 132 -13.38 -2.47 -9.27
N LYS A 133 -13.16 -1.18 -9.53
CA LYS A 133 -12.15 -0.77 -10.50
C LYS A 133 -10.76 -1.23 -10.04
N PHE A 134 -10.47 -1.10 -8.76
CA PHE A 134 -9.19 -1.58 -8.22
C PHE A 134 -9.09 -3.10 -8.39
N VAL A 135 -10.16 -3.83 -8.12
CA VAL A 135 -10.11 -5.28 -8.32
C VAL A 135 -9.78 -5.63 -9.74
N LYS A 136 -10.39 -4.95 -10.72
CA LYS A 136 -10.09 -5.25 -12.12
C LYS A 136 -8.64 -4.92 -12.45
N LEU A 137 -8.10 -3.84 -11.89
CA LEU A 137 -6.70 -3.49 -12.10
C LEU A 137 -5.76 -4.54 -11.49
N CYS A 138 -6.13 -5.06 -10.33
CA CYS A 138 -5.35 -6.18 -9.79
C CYS A 138 -5.35 -7.37 -10.71
N GLU A 139 -6.52 -7.74 -11.23
CA GLU A 139 -6.61 -8.87 -12.17
C GLU A 139 -5.79 -8.65 -13.41
N GLU A 140 -5.67 -7.39 -13.88
CA GLU A 140 -4.87 -7.02 -15.03
C GLU A 140 -3.37 -7.25 -14.78
N HIS A 141 -3.02 -7.33 -13.50
CA HIS A 141 -1.63 -7.64 -13.08
C HIS A 141 -1.46 -9.08 -12.60
N GLY A 142 -2.44 -9.94 -12.87
CA GLY A 142 -2.32 -11.34 -12.46
C GLY A 142 -2.59 -11.56 -10.99
N ILE A 143 -3.17 -10.56 -10.30
CA ILE A 143 -3.56 -10.71 -8.91
C ILE A 143 -5.03 -11.08 -8.87
N ILE A 144 -5.29 -12.33 -8.50
CA ILE A 144 -6.63 -12.87 -8.59
C ILE A 144 -7.51 -12.35 -7.48
N LYS A 145 -8.85 -12.45 -7.70
CA LYS A 145 -9.81 -11.88 -6.76
C LYS A 145 -9.67 -12.42 -5.35
N GLU A 146 -9.32 -13.68 -5.19
CA GLU A 146 -9.13 -14.36 -3.92
C GLU A 146 -7.96 -13.79 -3.14
N ASN A 147 -7.11 -13.03 -3.80
CA ASN A 147 -5.87 -12.47 -3.20
C ASN A 147 -5.98 -10.97 -2.95
N ILE A 148 -7.23 -10.48 -2.87
CA ILE A 148 -7.50 -9.08 -2.57
C ILE A 148 -8.29 -9.05 -1.26
N ILE A 149 -7.76 -8.35 -0.26
CA ILE A 149 -8.36 -8.31 1.05
C ILE A 149 -8.94 -6.94 1.32
N ASP A 150 -10.20 -6.92 1.77
CA ASP A 150 -10.85 -5.69 2.15
C ASP A 150 -10.51 -5.44 3.61
N LEU A 151 -9.59 -4.53 3.81
CA LEU A 151 -9.07 -4.23 5.14
C LEU A 151 -10.09 -3.52 6.02
N THR A 152 -11.18 -3.01 5.45
CA THR A 152 -12.15 -2.39 6.32
C THR A 152 -12.80 -3.42 7.24
N LYS A 153 -12.71 -4.71 6.94
CA LYS A 153 -13.22 -5.78 7.76
C LYS A 153 -12.11 -6.50 8.51
N THR A 154 -11.06 -5.73 8.84
CA THR A 154 -9.91 -6.21 9.59
C THR A 154 -9.49 -5.18 10.60
N ASN A 155 -8.54 -5.57 11.45
CA ASN A 155 -7.94 -4.58 12.36
C ASN A 155 -6.90 -3.73 11.64
N ARG A 156 -7.28 -2.49 11.39
CA ARG A 156 -6.39 -1.50 10.73
C ARG A 156 -5.77 -0.59 11.75
N CYS A 157 -5.90 -0.86 13.03
CA CYS A 157 -5.32 0.01 14.04
C CYS A 157 -5.84 1.43 13.96
N LEU A 158 -7.10 1.60 13.57
CA LEU A 158 -7.65 2.96 13.47
C LEU A 158 -7.53 3.68 14.79
N LYS A 159 -7.75 2.99 15.90
CA LYS A 159 -7.68 3.62 17.23
C LYS A 159 -6.33 4.16 17.56
N ALA A 160 -5.28 3.74 16.90
CA ALA A 160 -3.92 4.16 17.18
C ALA A 160 -3.54 5.39 16.38
N ARG A 161 -4.37 5.84 15.47
CA ARG A 161 -4.01 6.95 14.59
C ARG A 161 -3.97 8.26 15.35
CL CL B . -9.70 -0.89 13.07
S1 XBT C . 5.27 1.96 0.45
C2 XBT C . 4.31 0.58 0.57
N3 XBT C . 3.27 0.69 -0.13
C4 XBT C . 3.02 1.91 -0.89
C5 XBT C . 4.22 2.79 -0.69
C6 XBT C . 4.64 -0.65 1.34
C7 XBT C . 5.63 -0.38 2.47
C8 XBT C . 6.61 -1.52 2.58
C9 XBT C . 3.41 -1.31 1.93
S1 ZBT D . 5.16 2.11 0.32
C2 ZBT D . 4.21 0.74 0.62
N3 ZBT D . 3.28 0.65 -0.23
C4 ZBT D . 3.14 1.63 -1.30
C5 ZBT D . 4.18 2.68 -1.02
C6 ZBT D . 4.46 -0.23 1.70
C7 ZBT D . 5.94 -0.59 1.75
C8 ZBT D . 6.16 -1.23 3.12
C9 ZBT D . 3.65 -1.52 1.56
#